data_9HIM
#
_entry.id   9HIM
#
_cell.length_a   95.481
_cell.length_b   99.353
_cell.length_c   153.617
_cell.angle_alpha   90.00
_cell.angle_beta   90.00
_cell.angle_gamma   90.00
#
_symmetry.space_group_name_H-M   'I 2 2 2'
#
loop_
_entity.id
_entity.type
_entity.pdbx_description
1 polymer 'DUF5060 domain-containing protein'
2 branched beta-D-mannopyranose-(1-4)-beta-D-mannopyranose-(1-4)-beta-D-mannopyranose
3 water water
#
_entity_poly.entity_id   1
_entity_poly.type   'polypeptide(L)'
_entity_poly.pdbx_seq_one_letter_code
;ESRYKDNRPLNILGIDISKMELGRYNLFEVSIFLQGSYLNPFDPQEIDVEGIFEDQYGNQYRVPGFFYQEYKRELKNDYE
YLVPVGDPYFKIRFSPINIGSYKFFIKVKDKTGREVSSDKYTIYVKESEKPGYIRVSEKNWRYFKFDNGRQFLPIGANIC
WATSKGTYDYDVWLPKCAENGGNYFRVWLGPSWATFALERESVKEYDLKNAWKLDYVLNLAEKLNMYIMFCFDSYNELRY
QKEGAYPYWEHTPHYEKNGGPLKEPKDFWTNNEMIKYYKNKLRYIVARYGYSTNVFAWEFWNQVDIISPTAFVIGEVKKW
HEDMAKYLNSIDPWKHLITTSFAFSPGKPEIDSISGLNFVQTHIYKSNRYIDALLSLIAYKEKYRKPHLVGEFGLDAGGN
DLWVDPNGYVIHNAIWTTILSGASGTAMSWWWDNHIHPNNLYFHYRALADFVKDINFLEEKFERLTNYKFNVYNREIKVI
GLQGKKYILLWLYNAKEAYQYKKDIPNMDSSKFLGSIELLIKPPIKVIYYDTYRGEKIKELDLDKNVIPIIEFERDLAIK
IELLGEGE
;
_entity_poly.pdbx_strand_id   A
#
loop_
_chem_comp.id
_chem_comp.type
_chem_comp.name
_chem_comp.formula
BMA D-saccharide, beta linking beta-D-mannopyranose 'C6 H12 O6'
#
# COMPACT_ATOMS: atom_id res chain seq x y z
N SER A 2 26.79 14.26 13.83
CA SER A 2 26.71 15.13 12.65
C SER A 2 27.77 14.74 11.62
N ARG A 3 27.65 13.50 11.16
CA ARG A 3 28.61 12.90 10.26
C ARG A 3 28.72 13.67 8.95
N TYR A 4 27.62 14.23 8.46
CA TYR A 4 27.58 14.83 7.15
C TYR A 4 27.66 16.36 7.20
N LYS A 5 28.19 16.91 8.28
CA LYS A 5 28.24 18.35 8.41
C LYS A 5 29.16 18.96 7.35
N ASP A 6 28.89 20.23 7.06
CA ASP A 6 29.72 21.05 6.19
C ASP A 6 29.80 22.44 6.83
N ASN A 7 30.92 23.12 6.58
CA ASN A 7 31.17 24.43 7.19
C ASN A 7 31.84 25.35 6.17
N ARG A 8 31.31 25.41 4.98
CA ARG A 8 31.86 26.22 3.91
C ARG A 8 30.81 27.21 3.43
N PRO A 9 31.22 28.29 2.76
CA PRO A 9 30.23 29.26 2.26
C PRO A 9 29.34 28.63 1.19
N LEU A 10 28.06 28.96 1.27
CA LEU A 10 27.05 28.27 0.48
C LEU A 10 27.25 28.56 -1.00
N ASN A 11 27.36 27.49 -1.79
CA ASN A 11 27.53 27.65 -3.23
C ASN A 11 27.10 26.35 -3.89
N ILE A 12 26.42 26.48 -5.02
CA ILE A 12 26.16 25.34 -5.89
C ILE A 12 27.42 25.07 -6.69
N LEU A 13 27.84 23.81 -6.72
CA LEU A 13 29.05 23.40 -7.42
C LEU A 13 28.76 22.65 -8.71
N GLY A 14 27.59 22.06 -8.85
CA GLY A 14 27.26 21.35 -10.08
C GLY A 14 25.81 20.96 -10.05
N ILE A 15 25.22 20.85 -11.23
CA ILE A 15 23.87 20.32 -11.41
C ILE A 15 23.93 19.38 -12.59
N ASP A 16 23.45 18.15 -12.39
CA ASP A 16 23.28 17.19 -13.48
C ASP A 16 21.79 16.96 -13.66
N ILE A 17 21.35 16.93 -14.91
CA ILE A 17 19.93 16.73 -15.22
C ILE A 17 19.75 15.40 -15.96
N SER A 18 18.80 14.58 -15.50
CA SER A 18 18.65 13.24 -16.08
C SER A 18 18.41 13.32 -17.59
N LYS A 19 17.33 13.96 -18.00
CA LYS A 19 16.89 14.07 -19.37
C LYS A 19 16.13 15.37 -19.44
N MET A 20 16.17 16.05 -20.59
CA MET A 20 15.39 17.28 -20.72
C MET A 20 14.02 17.05 -21.34
N GLU A 21 13.72 15.84 -21.79
CA GLU A 21 12.42 15.48 -22.34
C GLU A 21 11.99 14.18 -21.66
N LEU A 22 10.73 14.07 -21.29
CA LEU A 22 10.23 12.90 -20.59
C LEU A 22 8.73 12.80 -20.79
N GLY A 23 8.16 11.68 -20.34
CA GLY A 23 6.74 11.43 -20.46
C GLY A 23 5.93 11.83 -19.22
N ARG A 24 4.64 12.03 -19.43
CA ARG A 24 3.73 12.38 -18.33
C ARG A 24 3.88 11.34 -17.22
N TYR A 25 3.99 11.84 -15.98
CA TYR A 25 4.06 11.03 -14.77
C TYR A 25 5.39 10.28 -14.64
N ASN A 26 6.36 10.55 -15.49
CA ASN A 26 7.67 9.90 -15.35
C ASN A 26 8.58 10.73 -14.45
N LEU A 27 9.62 10.08 -13.95
CA LEU A 27 10.56 10.71 -13.05
C LEU A 27 11.49 11.65 -13.81
N PHE A 28 11.62 12.87 -13.31
CA PHE A 28 12.61 13.82 -13.72
C PHE A 28 13.50 14.07 -12.51
N GLU A 29 14.78 13.75 -12.63
CA GLU A 29 15.70 13.78 -11.51
C GLU A 29 16.83 14.76 -11.76
N VAL A 30 17.11 15.58 -10.76
CA VAL A 30 18.17 16.59 -10.78
C VAL A 30 19.13 16.24 -9.65
N SER A 31 20.42 16.23 -9.96
CA SER A 31 21.47 16.01 -8.97
C SER A 31 22.15 17.34 -8.74
N ILE A 32 22.31 17.69 -7.47
CA ILE A 32 22.87 18.98 -7.07
C ILE A 32 24.07 18.72 -6.17
N PHE A 33 25.21 19.26 -6.57
CA PHE A 33 26.42 19.19 -5.77
C PHE A 33 26.64 20.57 -5.21
N LEU A 34 26.88 20.64 -3.90
CA LEU A 34 26.95 21.95 -3.26
C LEU A 34 27.88 21.88 -2.07
N GLN A 35 28.25 23.04 -1.60
CA GLN A 35 28.94 23.20 -0.32
C GLN A 35 28.15 24.22 0.48
N GLY A 36 28.22 24.13 1.81
CA GLY A 36 27.44 25.02 2.62
C GLY A 36 27.75 24.83 4.09
N SER A 37 26.99 25.53 4.92
CA SER A 37 27.14 25.43 6.37
C SER A 37 25.90 24.76 6.94
N TYR A 38 26.06 23.54 7.44
CA TYR A 38 24.93 22.82 7.99
C TYR A 38 25.47 21.66 8.80
N LEU A 39 24.74 21.33 9.85
CA LEU A 39 25.14 20.22 10.70
C LEU A 39 24.47 18.91 10.31
N ASN A 40 23.32 19.00 9.65
CA ASN A 40 22.47 17.84 9.41
C ASN A 40 21.77 18.07 8.08
N PRO A 41 22.15 17.34 7.03
CA PRO A 41 21.53 17.55 5.71
C PRO A 41 20.10 17.07 5.65
N PHE A 42 19.61 16.41 6.70
CA PHE A 42 18.24 15.94 6.75
C PHE A 42 17.31 16.94 7.43
N ASP A 43 17.83 18.07 7.91
CA ASP A 43 17.08 19.07 8.66
C ASP A 43 16.96 20.33 7.84
N PRO A 44 15.75 20.71 7.41
CA PRO A 44 15.62 21.91 6.55
C PRO A 44 16.03 23.20 7.24
N GLN A 45 16.06 23.26 8.57
CA GLN A 45 16.58 24.41 9.29
C GLN A 45 18.09 24.53 9.18
N GLU A 46 18.78 23.45 8.82
CA GLU A 46 20.22 23.47 8.59
C GLU A 46 20.54 23.70 7.12
N ILE A 47 19.88 22.97 6.21
CA ILE A 47 19.99 23.22 4.77
C ILE A 47 18.66 22.85 4.12
N ASP A 48 18.18 23.72 3.24
CA ASP A 48 16.88 23.58 2.59
C ASP A 48 17.15 23.71 1.11
N VAL A 49 17.08 22.57 0.41
CA VAL A 49 17.15 22.52 -1.05
C VAL A 49 15.73 22.40 -1.57
N GLU A 50 15.41 23.17 -2.59
CA GLU A 50 14.10 23.08 -3.19
C GLU A 50 14.21 23.21 -4.71
N GLY A 51 13.32 22.54 -5.41
CA GLY A 51 13.10 22.76 -6.82
C GLY A 51 11.73 23.35 -7.04
N ILE A 52 11.68 24.44 -7.79
CA ILE A 52 10.44 25.17 -8.04
C ILE A 52 10.10 25.00 -9.52
N PHE A 53 9.03 24.26 -9.80
CA PHE A 53 8.60 23.91 -11.15
C PHE A 53 7.30 24.64 -11.49
N GLU A 54 7.15 25.02 -12.75
CA GLU A 54 5.94 25.68 -13.20
C GLU A 54 5.57 25.16 -14.58
N ASP A 55 4.33 24.71 -14.74
CA ASP A 55 3.88 24.25 -16.04
C ASP A 55 3.45 25.44 -16.90
N GLN A 56 3.03 25.13 -18.13
CA GLN A 56 2.75 26.21 -19.06
C GLN A 56 1.42 26.90 -18.76
N TYR A 57 0.64 26.35 -17.85
CA TYR A 57 -0.62 26.93 -17.39
C TYR A 57 -0.43 27.78 -16.15
N GLY A 58 0.81 27.90 -15.65
CA GLY A 58 1.08 28.68 -14.48
C GLY A 58 1.04 27.93 -13.17
N ASN A 59 0.79 26.63 -13.20
CA ASN A 59 0.72 25.87 -11.95
C ASN A 59 2.12 25.64 -11.41
N GLN A 60 2.28 25.81 -10.09
CA GLN A 60 3.59 25.73 -9.45
C GLN A 60 3.69 24.51 -8.52
N TYR A 61 4.89 23.93 -8.47
CA TYR A 61 5.18 22.79 -7.62
C TYR A 61 6.47 23.11 -6.87
N ARG A 62 6.39 23.03 -5.54
CA ARG A 62 7.53 23.29 -4.67
C ARG A 62 7.97 21.93 -4.16
N VAL A 63 9.10 21.44 -4.67
CA VAL A 63 9.54 20.09 -4.42
C VAL A 63 10.74 20.15 -3.48
N PRO A 64 10.65 19.58 -2.28
CA PRO A 64 11.84 19.57 -1.41
C PRO A 64 12.88 18.61 -1.97
N GLY A 65 14.16 19.00 -1.81
CA GLY A 65 15.25 18.13 -2.16
C GLY A 65 15.74 17.33 -0.97
N PHE A 66 16.60 16.36 -1.25
CA PHE A 66 17.00 15.40 -0.23
C PHE A 66 18.45 14.95 -0.42
N PHE A 67 19.08 14.60 0.69
CA PHE A 67 20.45 14.09 0.69
C PHE A 67 20.47 12.63 0.26
N TYR A 68 21.48 12.29 -0.53
CA TYR A 68 21.53 11.01 -1.22
C TYR A 68 22.96 10.50 -1.29
N GLN A 69 23.12 9.20 -1.07
CA GLN A 69 24.36 8.49 -1.34
C GLN A 69 24.10 7.37 -2.34
N GLU A 70 24.91 7.32 -3.38
CA GLU A 70 24.85 6.21 -4.33
C GLU A 70 25.54 4.98 -3.73
N TYR A 71 24.99 3.82 -4.03
CA TYR A 71 25.59 2.56 -3.63
C TYR A 71 25.58 1.62 -4.82
N LYS A 72 26.47 0.63 -4.75
CA LYS A 72 26.46 -0.52 -5.64
C LYS A 72 26.19 -1.75 -4.79
N ARG A 73 25.14 -2.50 -5.13
CA ARG A 73 24.77 -3.64 -4.33
C ARG A 73 25.53 -4.89 -4.78
N GLU A 74 25.76 -5.78 -3.84
CA GLU A 74 26.26 -7.10 -4.16
C GLU A 74 25.67 -8.06 -3.14
N LEU A 75 25.75 -9.33 -3.45
CA LEU A 75 25.34 -10.37 -2.53
C LEU A 75 26.60 -11.05 -2.02
N LYS A 76 26.76 -11.06 -0.70
CA LYS A 76 27.86 -11.78 -0.04
C LYS A 76 27.20 -12.99 0.59
N ASN A 77 27.21 -14.09 -0.16
CA ASN A 77 26.56 -15.35 0.24
C ASN A 77 25.06 -15.13 0.48
N ASP A 78 24.66 -14.90 1.71
CA ASP A 78 23.24 -14.77 2.02
C ASP A 78 22.85 -13.39 2.51
N TYR A 79 23.68 -12.38 2.28
CA TYR A 79 23.27 -11.05 2.69
C TYR A 79 23.69 -10.02 1.66
N GLU A 80 22.81 -9.05 1.48
CA GLU A 80 23.09 -7.89 0.65
C GLU A 80 24.08 -6.96 1.34
N TYR A 81 25.01 -6.45 0.54
CA TYR A 81 26.02 -5.52 1.01
C TYR A 81 26.06 -4.36 0.02
N LEU A 82 26.05 -3.14 0.54
CA LEU A 82 26.04 -1.94 -0.30
C LEU A 82 27.38 -1.22 -0.19
N VAL A 83 28.05 -1.03 -1.32
CA VAL A 83 29.33 -0.33 -1.37
C VAL A 83 29.04 1.12 -1.77
N PRO A 84 29.49 2.11 -0.99
CA PRO A 84 29.25 3.50 -1.40
C PRO A 84 30.02 3.83 -2.67
N VAL A 85 29.38 4.62 -3.53
CA VAL A 85 29.97 5.10 -4.77
C VAL A 85 29.94 6.61 -4.76
N GLY A 86 31.11 7.23 -4.68
CA GLY A 86 31.20 8.68 -4.75
C GLY A 86 30.80 9.37 -3.46
N ASP A 87 30.93 10.69 -3.42
CA ASP A 87 30.47 11.45 -2.27
C ASP A 87 28.95 11.56 -2.31
N PRO A 88 28.30 11.72 -1.15
CA PRO A 88 26.88 12.03 -1.15
C PRO A 88 26.64 13.43 -1.68
N TYR A 89 25.41 13.69 -2.07
CA TYR A 89 25.02 14.94 -2.71
C TYR A 89 23.51 15.07 -2.53
N PHE A 90 22.91 16.06 -3.17
CA PHE A 90 21.49 16.30 -3.04
C PHE A 90 20.78 16.04 -4.35
N LYS A 91 19.52 15.66 -4.26
CA LYS A 91 18.73 15.39 -5.45
C LYS A 91 17.36 16.03 -5.31
N ILE A 92 16.74 16.30 -6.45
CA ILE A 92 15.33 16.65 -6.57
C ILE A 92 14.70 15.63 -7.51
N ARG A 93 13.53 15.14 -7.13
CA ARG A 93 12.79 14.19 -7.96
C ARG A 93 11.38 14.74 -8.19
N PHE A 94 11.06 14.97 -9.44
CA PHE A 94 9.82 15.60 -9.87
C PHE A 94 9.10 14.67 -10.83
N SER A 95 7.77 14.81 -10.91
CA SER A 95 6.98 14.10 -11.89
C SER A 95 5.94 15.07 -12.44
N PRO A 96 5.88 15.23 -13.77
CA PRO A 96 4.92 16.17 -14.37
C PRO A 96 3.55 15.52 -14.54
N ILE A 97 2.51 16.23 -14.14
CA ILE A 97 1.16 15.75 -14.37
C ILE A 97 0.56 16.26 -15.66
N ASN A 98 1.08 17.36 -16.18
CA ASN A 98 0.64 17.91 -17.45
C ASN A 98 1.72 17.70 -18.49
N ILE A 99 1.30 17.66 -19.75
CA ILE A 99 2.26 17.66 -20.85
C ILE A 99 2.56 19.10 -21.23
N GLY A 100 3.54 19.28 -22.10
CA GLY A 100 3.99 20.60 -22.51
C GLY A 100 5.29 20.97 -21.83
N SER A 101 5.56 22.27 -21.78
CA SER A 101 6.81 22.73 -21.20
C SER A 101 6.66 23.01 -19.72
N TYR A 102 7.75 22.81 -18.98
CA TYR A 102 7.88 23.23 -17.60
C TYR A 102 9.15 24.05 -17.49
N LYS A 103 9.12 25.07 -16.64
CA LYS A 103 10.33 25.79 -16.26
C LYS A 103 10.63 25.45 -14.81
N PHE A 104 11.91 25.37 -14.46
CA PHE A 104 12.25 25.14 -13.06
C PHE A 104 13.60 25.74 -12.74
N PHE A 105 13.80 25.97 -11.45
CA PHE A 105 15.10 26.35 -10.93
C PHE A 105 15.27 25.69 -9.57
N ILE A 106 16.51 25.73 -9.09
CA ILE A 106 16.90 25.17 -7.80
C ILE A 106 17.17 26.33 -6.86
N LYS A 107 16.72 26.22 -5.63
CA LYS A 107 17.08 27.18 -4.59
C LYS A 107 17.66 26.41 -3.41
N VAL A 108 18.66 27.02 -2.76
CA VAL A 108 19.26 26.43 -1.57
C VAL A 108 19.46 27.53 -0.52
N LYS A 109 19.10 27.22 0.72
CA LYS A 109 19.31 28.10 1.87
C LYS A 109 19.94 27.28 2.97
N ASP A 110 20.99 27.81 3.60
CA ASP A 110 21.59 27.08 4.71
C ASP A 110 21.38 27.86 6.02
N LYS A 111 21.96 27.34 7.10
CA LYS A 111 21.64 27.87 8.42
C LYS A 111 22.05 29.33 8.59
N THR A 112 22.96 29.82 7.75
CA THR A 112 23.35 31.20 7.89
C THR A 112 22.28 32.15 7.37
N GLY A 113 21.26 31.64 6.69
CA GLY A 113 20.29 32.49 6.05
C GLY A 113 20.64 32.85 4.61
N ARG A 114 21.87 32.59 4.16
CA ARG A 114 22.22 32.88 2.78
C ARG A 114 21.46 31.95 1.84
N GLU A 115 21.14 32.48 0.65
CA GLU A 115 20.42 31.73 -0.36
C GLU A 115 21.16 31.83 -1.68
N VAL A 116 21.26 30.69 -2.37
CA VAL A 116 21.82 30.64 -3.71
C VAL A 116 20.80 29.95 -4.60
N SER A 117 20.95 30.16 -5.90
CA SER A 117 19.99 29.59 -6.82
C SER A 117 20.64 29.33 -8.16
N SER A 118 19.94 28.53 -8.96
CA SER A 118 20.36 28.24 -10.32
C SER A 118 19.63 29.13 -11.31
N ASP A 119 20.15 29.12 -12.54
CA ASP A 119 19.41 29.58 -13.70
C ASP A 119 18.08 28.83 -13.83
N LYS A 120 17.21 29.36 -14.67
CA LYS A 120 15.95 28.69 -14.99
C LYS A 120 16.14 27.76 -16.18
N TYR A 121 15.67 26.54 -16.03
CA TYR A 121 15.78 25.52 -17.06
C TYR A 121 14.40 25.20 -17.60
N THR A 122 14.35 24.75 -18.85
CA THR A 122 13.10 24.39 -19.49
C THR A 122 13.17 22.94 -19.91
N ILE A 123 12.12 22.19 -19.60
CA ILE A 123 12.02 20.79 -19.98
C ILE A 123 10.67 20.60 -20.68
N TYR A 124 10.57 19.51 -21.40
CA TYR A 124 9.41 19.27 -22.26
C TYR A 124 8.85 17.89 -21.96
N VAL A 125 7.54 17.82 -21.81
CA VAL A 125 6.87 16.61 -21.37
C VAL A 125 5.92 16.19 -22.47
N LYS A 126 6.02 14.94 -22.88
CA LYS A 126 5.14 14.35 -23.89
C LYS A 126 4.19 13.35 -23.24
N GLU A 127 3.12 13.03 -23.94
CA GLU A 127 2.15 12.07 -23.43
C GLU A 127 2.82 10.72 -23.21
N SER A 128 2.32 9.98 -22.22
CA SER A 128 2.80 8.64 -21.93
C SER A 128 1.61 7.72 -21.66
N GLU A 129 1.91 6.46 -21.39
CA GLU A 129 0.92 5.43 -21.07
C GLU A 129 0.54 5.42 -19.60
N LYS A 130 1.21 6.18 -18.76
CA LYS A 130 1.02 6.03 -17.33
C LYS A 130 -0.34 6.58 -16.95
N PRO A 131 -1.09 5.88 -16.07
CA PRO A 131 -2.43 6.34 -15.71
C PRO A 131 -2.49 7.43 -14.65
N GLY A 132 -1.38 7.71 -13.97
CA GLY A 132 -1.32 8.75 -12.98
C GLY A 132 -1.32 8.22 -11.56
N TYR A 133 -1.60 9.13 -10.61
CA TYR A 133 -1.63 8.83 -9.19
C TYR A 133 -2.94 8.18 -8.80
N ILE A 134 -2.91 7.44 -7.71
CA ILE A 134 -4.09 6.77 -7.20
C ILE A 134 -4.84 7.69 -6.24
N ARG A 135 -6.16 7.78 -6.44
CA ARG A 135 -7.06 8.69 -5.74
C ARG A 135 -8.29 7.89 -5.31
N VAL A 136 -9.11 8.47 -4.44
CA VAL A 136 -10.43 7.91 -4.19
C VAL A 136 -11.33 8.20 -5.38
N SER A 137 -12.12 7.20 -5.79
CA SER A 137 -13.09 7.40 -6.86
C SER A 137 -14.20 8.33 -6.41
N GLU A 138 -14.52 9.31 -7.25
CA GLU A 138 -15.69 10.15 -7.02
C GLU A 138 -16.98 9.47 -7.46
N LYS A 139 -16.90 8.38 -8.23
CA LYS A 139 -18.11 7.71 -8.71
C LYS A 139 -18.62 6.69 -7.72
N ASN A 140 -17.73 6.01 -7.00
CA ASN A 140 -18.10 5.08 -5.95
C ASN A 140 -17.04 5.13 -4.87
N TRP A 141 -17.38 5.71 -3.72
CA TRP A 141 -16.43 5.95 -2.63
C TRP A 141 -15.85 4.67 -2.06
N ARG A 142 -16.34 3.51 -2.47
CA ARG A 142 -15.73 2.28 -2.02
C ARG A 142 -14.43 1.95 -2.71
N TYR A 143 -14.11 2.63 -3.80
CA TYR A 143 -13.03 2.19 -4.68
C TYR A 143 -12.05 3.31 -4.96
N PHE A 144 -10.88 2.90 -5.44
CA PHE A 144 -9.85 3.80 -5.89
C PHE A 144 -9.83 3.88 -7.42
N LYS A 145 -9.25 4.97 -7.91
CA LYS A 145 -9.04 5.18 -9.33
C LYS A 145 -7.64 5.73 -9.54
N PHE A 146 -7.18 5.66 -10.78
CA PHE A 146 -6.05 6.44 -11.22
C PHE A 146 -6.54 7.79 -11.73
N ASP A 147 -5.61 8.75 -11.84
CA ASP A 147 -5.97 10.07 -12.33
C ASP A 147 -6.67 10.02 -13.69
N ASN A 148 -6.31 9.07 -14.56
CA ASN A 148 -6.92 8.99 -15.88
C ASN A 148 -8.33 8.45 -15.85
N GLY A 149 -8.83 8.04 -14.67
CA GLY A 149 -10.17 7.58 -14.49
C GLY A 149 -10.34 6.08 -14.41
N ARG A 150 -9.33 5.30 -14.78
CA ARG A 150 -9.45 3.84 -14.68
C ARG A 150 -9.38 3.40 -13.22
N GLN A 151 -10.04 2.29 -12.93
CA GLN A 151 -10.06 1.83 -11.55
C GLN A 151 -8.69 1.30 -11.14
N PHE A 152 -8.40 1.42 -9.84
CA PHE A 152 -7.28 0.73 -9.19
C PHE A 152 -7.91 -0.20 -8.17
N LEU A 153 -7.91 -1.51 -8.45
CA LEU A 153 -8.35 -2.52 -7.51
C LEU A 153 -7.10 -3.19 -6.98
N PRO A 154 -6.68 -2.93 -5.74
CA PRO A 154 -5.45 -3.57 -5.24
C PRO A 154 -5.65 -5.07 -5.09
N ILE A 155 -4.75 -5.82 -5.71
CA ILE A 155 -4.65 -7.27 -5.60
C ILE A 155 -3.20 -7.58 -5.30
N GLY A 156 -2.96 -8.20 -4.15
CA GLY A 156 -1.59 -8.44 -3.76
C GLY A 156 -1.54 -8.98 -2.35
N ALA A 157 -0.47 -8.63 -1.65
CA ALA A 157 -0.26 -9.09 -0.29
C ALA A 157 0.70 -8.13 0.40
N ASN A 158 0.81 -8.28 1.71
CA ASN A 158 1.92 -7.66 2.42
C ASN A 158 3.23 -8.27 1.93
N ILE A 159 4.24 -7.42 1.73
CA ILE A 159 5.59 -7.91 1.41
C ILE A 159 6.53 -6.96 2.16
N CYS A 160 6.46 -6.99 3.49
CA CYS A 160 6.82 -5.77 4.20
C CYS A 160 8.29 -5.63 4.50
N TRP A 161 9.04 -6.71 4.47
CA TRP A 161 10.49 -6.69 4.65
C TRP A 161 11.08 -7.93 4.01
N ALA A 162 12.37 -7.88 3.75
CA ALA A 162 13.14 -8.99 3.20
C ALA A 162 13.94 -9.70 4.28
N THR A 163 14.56 -10.82 3.90
CA THR A 163 15.58 -11.45 4.71
C THR A 163 16.86 -10.62 4.63
N SER A 164 17.98 -11.14 5.11
CA SER A 164 19.24 -10.44 4.94
C SER A 164 19.59 -10.22 3.48
N LYS A 165 18.95 -10.98 2.56
CA LYS A 165 19.20 -10.78 1.14
C LYS A 165 18.64 -9.44 0.62
N GLY A 166 17.78 -8.76 1.38
CA GLY A 166 17.42 -7.40 1.02
C GLY A 166 16.73 -7.31 -0.32
N THR A 167 17.21 -6.38 -1.15
CA THR A 167 16.57 -6.13 -2.42
C THR A 167 16.54 -7.38 -3.30
N TYR A 168 17.48 -8.31 -3.09
CA TYR A 168 17.52 -9.53 -3.89
C TYR A 168 16.28 -10.40 -3.65
N ASP A 169 15.62 -10.27 -2.49
CA ASP A 169 14.36 -10.99 -2.29
C ASP A 169 13.23 -10.36 -3.10
N TYR A 170 13.19 -9.04 -3.17
CA TYR A 170 12.16 -8.37 -3.99
C TYR A 170 12.33 -8.71 -5.47
N ASP A 171 13.57 -8.93 -5.91
CA ASP A 171 13.82 -9.38 -7.28
C ASP A 171 13.12 -10.69 -7.59
N VAL A 172 12.90 -11.53 -6.58
CA VAL A 172 12.20 -12.80 -6.73
C VAL A 172 10.69 -12.65 -6.51
N TRP A 173 10.30 -12.04 -5.39
CA TRP A 173 8.89 -11.99 -5.02
C TRP A 173 8.08 -11.13 -6.00
N LEU A 174 8.59 -9.94 -6.33
CA LEU A 174 7.74 -9.02 -7.09
C LEU A 174 7.42 -9.51 -8.49
N PRO A 175 8.36 -10.04 -9.28
CA PRO A 175 7.97 -10.54 -10.61
C PRO A 175 6.93 -11.64 -10.53
N LYS A 176 7.01 -12.53 -9.55
CA LYS A 176 6.02 -13.59 -9.41
C LYS A 176 4.66 -13.01 -9.10
N CYS A 177 4.60 -12.02 -8.23
CA CYS A 177 3.33 -11.40 -7.92
C CYS A 177 2.76 -10.71 -9.15
N ALA A 178 3.59 -9.96 -9.88
CA ALA A 178 3.09 -9.18 -11.00
C ALA A 178 2.64 -10.06 -12.13
N GLU A 179 3.31 -11.20 -12.35
CA GLU A 179 2.89 -12.07 -13.44
C GLU A 179 1.61 -12.81 -13.12
N ASN A 180 1.16 -12.77 -11.88
CA ASN A 180 -0.05 -13.43 -11.42
C ASN A 180 -1.13 -12.45 -10.99
N GLY A 181 -1.20 -11.30 -11.66
CA GLY A 181 -2.27 -10.36 -11.43
C GLY A 181 -2.05 -9.42 -10.28
N GLY A 182 -0.90 -9.47 -9.62
CA GLY A 182 -0.68 -8.61 -8.47
C GLY A 182 -0.25 -7.22 -8.88
N ASN A 183 -0.86 -6.22 -8.25
CA ASN A 183 -0.49 -4.83 -8.50
C ASN A 183 -0.27 -4.05 -7.21
N TYR A 184 -0.14 -4.73 -6.07
CA TYR A 184 -0.10 -4.06 -4.78
C TYR A 184 0.82 -4.81 -3.83
N PHE A 185 1.57 -4.05 -3.03
CA PHE A 185 2.18 -4.59 -1.82
C PHE A 185 2.42 -3.45 -0.84
N ARG A 186 2.81 -3.82 0.38
CA ARG A 186 3.04 -2.90 1.48
C ARG A 186 4.41 -3.16 2.05
N VAL A 187 5.16 -2.09 2.34
CA VAL A 187 6.47 -2.19 2.93
C VAL A 187 6.53 -1.37 4.21
N TRP A 188 7.41 -1.75 5.11
CA TRP A 188 7.63 -1.04 6.37
C TRP A 188 8.90 -0.21 6.34
N LEU A 189 8.81 1.02 6.83
CA LEU A 189 9.94 1.93 6.98
C LEU A 189 10.37 2.05 8.44
N GLY A 190 9.76 1.27 9.33
CA GLY A 190 10.17 1.11 10.71
C GLY A 190 9.62 -0.21 11.17
N PRO A 191 10.02 -0.72 12.34
CA PRO A 191 11.04 -0.20 13.27
C PRO A 191 12.43 -0.30 12.66
N SER A 192 13.43 -0.06 13.50
CA SER A 192 14.76 0.16 12.97
C SER A 192 15.39 -1.09 12.36
N TRP A 193 14.85 -2.28 12.62
CA TRP A 193 15.33 -3.52 12.01
C TRP A 193 14.77 -3.75 10.61
N ALA A 194 13.80 -2.97 10.16
CA ALA A 194 13.14 -3.25 8.89
C ALA A 194 14.10 -2.96 7.74
N THR A 195 13.86 -3.65 6.61
CA THR A 195 14.71 -3.51 5.44
C THR A 195 14.83 -2.05 5.02
N PHE A 196 13.71 -1.31 5.06
CA PHE A 196 13.66 0.06 4.58
C PHE A 196 13.64 1.08 5.70
N ALA A 197 14.20 0.73 6.87
CA ALA A 197 14.09 1.61 8.02
C ALA A 197 14.88 2.90 7.80
N LEU A 198 14.19 4.03 7.83
CA LEU A 198 14.86 5.30 7.69
C LEU A 198 15.47 5.75 9.01
N GLU A 199 14.75 5.60 10.11
CA GLU A 199 15.27 5.90 11.44
C GLU A 199 15.93 4.63 11.96
N ARG A 200 17.16 4.42 11.54
CA ARG A 200 17.83 3.19 11.94
C ARG A 200 18.64 3.41 13.21
N GLU A 201 19.54 4.37 13.20
CA GLU A 201 20.36 4.69 14.36
C GLU A 201 19.90 5.96 15.07
N SER A 202 19.04 6.76 14.46
CA SER A 202 18.74 8.09 14.93
C SER A 202 17.36 8.45 14.43
N VAL A 203 16.68 9.36 15.15
CA VAL A 203 15.48 9.97 14.60
C VAL A 203 15.75 11.33 13.97
N LYS A 204 16.99 11.80 13.98
CA LYS A 204 17.35 13.10 13.41
C LYS A 204 17.99 12.99 12.03
N GLU A 205 18.60 11.84 11.73
CA GLU A 205 19.27 11.58 10.47
C GLU A 205 18.76 10.24 9.97
N TYR A 206 18.62 10.10 8.66
CA TYR A 206 17.97 8.94 8.05
C TYR A 206 19.00 8.07 7.34
N ASP A 207 18.72 6.77 7.27
CA ASP A 207 19.70 5.80 6.82
C ASP A 207 19.74 5.76 5.29
N LEU A 208 20.88 6.19 4.71
CA LEU A 208 20.99 6.32 3.27
C LEU A 208 21.04 4.98 2.56
N LYS A 209 21.57 3.94 3.22
CA LYS A 209 21.56 2.60 2.62
C LYS A 209 20.13 2.08 2.49
N ASN A 210 19.35 2.17 3.55
CA ASN A 210 17.99 1.64 3.50
C ASN A 210 17.12 2.46 2.56
N ALA A 211 17.37 3.77 2.51
CA ALA A 211 16.65 4.61 1.57
C ALA A 211 16.96 4.23 0.12
N TRP A 212 18.21 3.85 -0.14
CA TRP A 212 18.61 3.36 -1.46
C TRP A 212 17.91 2.05 -1.80
N LYS A 213 17.78 1.16 -0.82
CA LYS A 213 17.05 -0.09 -1.05
C LYS A 213 15.60 0.19 -1.39
N LEU A 214 14.99 1.18 -0.73
CA LEU A 214 13.61 1.52 -1.04
C LEU A 214 13.51 2.12 -2.44
N ASP A 215 14.47 2.97 -2.84
CA ASP A 215 14.50 3.42 -4.24
C ASP A 215 14.48 2.21 -5.17
N TYR A 216 15.34 1.23 -4.89
CA TYR A 216 15.47 0.07 -5.77
C TYR A 216 14.13 -0.66 -5.91
N VAL A 217 13.46 -0.87 -4.78
CA VAL A 217 12.21 -1.62 -4.82
C VAL A 217 11.10 -0.80 -5.47
N LEU A 218 11.07 0.51 -5.21
CA LEU A 218 10.11 1.37 -5.89
C LEU A 218 10.34 1.36 -7.40
N ASN A 219 11.61 1.37 -7.82
CA ASN A 219 11.89 1.31 -9.24
C ASN A 219 11.45 -0.02 -9.84
N LEU A 220 11.60 -1.12 -9.09
CA LEU A 220 11.10 -2.40 -9.59
C LEU A 220 9.58 -2.39 -9.72
N ALA A 221 8.87 -1.82 -8.73
CA ALA A 221 7.44 -1.66 -8.84
C ALA A 221 7.06 -0.84 -10.07
N GLU A 222 7.84 0.20 -10.37
CA GLU A 222 7.55 0.99 -11.56
C GLU A 222 7.63 0.14 -12.82
N LYS A 223 8.63 -0.72 -12.92
CA LYS A 223 8.78 -1.56 -14.11
C LYS A 223 7.70 -2.62 -14.19
N LEU A 224 7.15 -3.04 -13.06
CA LEU A 224 6.17 -4.12 -13.04
C LEU A 224 4.73 -3.63 -12.89
N ASN A 225 4.50 -2.31 -12.87
CA ASN A 225 3.17 -1.75 -12.67
C ASN A 225 2.54 -2.24 -11.36
N MET A 226 3.30 -2.09 -10.29
CA MET A 226 2.81 -2.37 -8.94
C MET A 226 2.85 -1.08 -8.13
N TYR A 227 1.99 -1.04 -7.09
CA TYR A 227 1.74 0.18 -6.32
C TYR A 227 1.86 -0.17 -4.86
N ILE A 228 2.59 0.67 -4.12
CA ILE A 228 3.07 0.32 -2.78
C ILE A 228 2.43 1.20 -1.71
N MET A 229 1.99 0.60 -0.62
CA MET A 229 1.72 1.38 0.59
C MET A 229 2.99 1.42 1.42
N PHE A 230 3.43 2.64 1.77
CA PHE A 230 4.59 2.82 2.64
C PHE A 230 4.11 3.01 4.08
N CYS A 231 4.45 2.08 4.97
CA CYS A 231 4.10 2.20 6.38
C CYS A 231 5.26 2.82 7.12
N PHE A 232 5.04 4.02 7.65
CA PHE A 232 6.16 4.80 8.18
C PHE A 232 6.69 4.24 9.50
N ASP A 233 5.78 3.86 10.39
CA ASP A 233 6.14 3.44 11.74
C ASP A 233 5.28 2.25 12.15
N SER A 234 5.83 1.40 13.01
CA SER A 234 5.08 0.28 13.56
C SER A 234 5.04 0.35 15.08
N TYR A 235 3.93 -0.15 15.63
CA TYR A 235 3.62 -0.06 17.05
C TYR A 235 4.76 -0.54 17.92
N ASN A 236 5.58 -1.46 17.42
CA ASN A 236 6.64 -2.04 18.22
C ASN A 236 7.55 -0.96 18.78
N GLU A 237 7.73 0.10 18.02
CA GLU A 237 8.63 1.17 18.42
C GLU A 237 8.23 1.78 19.75
N LEU A 238 6.94 1.77 20.07
CA LEU A 238 6.40 2.42 21.26
C LEU A 238 5.83 1.40 22.24
N ARG A 239 6.34 0.17 22.20
CA ARG A 239 5.85 -0.91 23.06
C ARG A 239 7.00 -1.44 23.89
N TYR A 240 6.81 -1.47 25.20
CA TYR A 240 7.83 -1.90 26.13
C TYR A 240 8.06 -3.41 26.09
N GLN A 241 9.30 -3.80 26.36
CA GLN A 241 9.68 -5.21 26.37
C GLN A 241 8.72 -6.07 27.21
N LYS A 242 8.35 -5.57 28.40
CA LYS A 242 7.54 -6.38 29.30
C LYS A 242 6.15 -6.59 28.77
N GLU A 243 5.74 -5.82 27.78
CA GLU A 243 4.41 -5.92 27.18
C GLU A 243 4.34 -6.97 26.07
N GLY A 244 5.46 -7.54 25.63
CA GLY A 244 5.41 -8.56 24.62
C GLY A 244 4.96 -8.04 23.26
N ALA A 245 4.57 -9.00 22.41
CA ALA A 245 4.15 -8.74 21.03
C ALA A 245 5.23 -8.06 20.19
N TYR A 246 6.43 -8.65 20.20
CA TYR A 246 7.54 -8.13 19.41
C TYR A 246 7.82 -6.68 19.78
N PRO A 247 8.08 -6.42 21.05
CA PRO A 247 8.30 -5.04 21.52
C PRO A 247 9.67 -4.53 21.09
N TYR A 248 9.77 -3.21 20.99
CA TYR A 248 11.03 -2.63 20.55
C TYR A 248 11.40 -1.31 21.22
N TRP A 249 10.61 -0.81 22.19
CA TRP A 249 10.91 0.49 22.76
C TRP A 249 12.34 0.58 23.28
N GLU A 250 12.79 -0.45 24.01
CA GLU A 250 14.12 -0.43 24.58
C GLU A 250 15.21 -0.25 23.53
N HIS A 251 14.93 -0.60 22.27
CA HIS A 251 15.93 -0.56 21.20
C HIS A 251 15.71 0.56 20.21
N THR A 252 14.63 1.31 20.34
CA THR A 252 14.27 2.25 19.31
C THR A 252 15.03 3.56 19.45
N PRO A 253 15.38 4.22 18.34
CA PRO A 253 16.16 5.47 18.47
C PRO A 253 15.38 6.59 19.11
N HIS A 254 14.07 6.48 19.22
CA HIS A 254 13.26 7.53 19.84
C HIS A 254 13.56 7.68 21.32
N TYR A 255 13.95 6.59 21.97
CA TYR A 255 14.12 6.57 23.41
C TYR A 255 15.42 7.29 23.77
N GLU A 256 15.34 8.10 24.82
CA GLU A 256 16.50 8.84 25.29
C GLU A 256 17.71 7.96 25.56
N LYS A 257 17.47 6.73 26.04
CA LYS A 257 18.57 5.81 26.28
C LYS A 257 19.42 5.60 25.04
N ASN A 258 18.80 5.70 23.88
CA ASN A 258 19.43 5.43 22.58
C ASN A 258 19.71 6.70 21.79
N GLY A 259 19.68 7.85 22.45
CA GLY A 259 20.02 9.10 21.83
C GLY A 259 18.83 9.98 21.43
N GLY A 260 17.61 9.49 21.61
CA GLY A 260 16.42 10.19 21.17
C GLY A 260 15.89 11.16 22.19
N PRO A 261 14.80 11.85 21.85
CA PRO A 261 14.25 12.86 22.74
C PRO A 261 13.30 12.34 23.80
N LEU A 262 12.83 11.11 23.72
CA LEU A 262 11.68 10.68 24.52
C LEU A 262 12.08 9.90 25.76
N LYS A 263 11.52 10.30 26.90
CA LYS A 263 11.72 9.55 28.13
C LYS A 263 10.78 8.35 28.25
N GLU A 264 9.63 8.38 27.57
CA GLU A 264 8.68 7.28 27.56
C GLU A 264 7.85 7.40 26.29
N PRO A 265 7.25 6.30 25.84
CA PRO A 265 6.55 6.36 24.54
C PRO A 265 5.37 7.31 24.51
N LYS A 266 4.72 7.56 25.65
CA LYS A 266 3.59 8.50 25.66
C LYS A 266 4.00 9.85 25.12
N ASP A 267 5.26 10.24 25.30
CA ASP A 267 5.67 11.58 24.89
C ASP A 267 5.84 11.72 23.40
N PHE A 268 5.79 10.62 22.65
CA PHE A 268 5.90 10.72 21.20
C PHE A 268 4.88 11.69 20.61
N TRP A 269 3.64 11.69 21.13
CA TRP A 269 2.54 12.43 20.50
C TRP A 269 2.70 13.93 20.66
N THR A 270 3.35 14.39 21.73
CA THR A 270 3.36 15.80 22.07
C THR A 270 4.74 16.41 22.24
N ASN A 271 5.79 15.63 22.29
CA ASN A 271 7.13 16.17 22.50
C ASN A 271 7.53 17.04 21.30
N ASN A 272 7.92 18.29 21.59
CA ASN A 272 8.13 19.25 20.51
C ASN A 272 9.29 18.85 19.61
N GLU A 273 10.37 18.32 20.20
CA GLU A 273 11.50 17.88 19.42
C GLU A 273 11.14 16.70 18.54
N MET A 274 10.41 15.71 19.10
CA MET A 274 10.00 14.57 18.30
C MET A 274 9.10 15.00 17.14
N ILE A 275 8.18 15.92 17.38
CA ILE A 275 7.27 16.37 16.33
C ILE A 275 8.06 17.02 15.22
N LYS A 276 9.04 17.87 15.59
CA LYS A 276 9.88 18.53 14.60
C LYS A 276 10.62 17.49 13.76
N TYR A 277 11.23 16.50 14.40
CA TYR A 277 11.96 15.47 13.66
CA TYR A 277 11.96 15.54 13.61
C TYR A 277 11.02 14.65 12.80
N TYR A 278 9.83 14.34 13.31
CA TYR A 278 8.91 13.55 12.51
C TYR A 278 8.50 14.30 11.24
N LYS A 279 8.28 15.61 11.36
CA LYS A 279 7.98 16.41 10.17
C LYS A 279 9.16 16.43 9.21
N ASN A 280 10.39 16.45 9.74
CA ASN A 280 11.53 16.35 8.84
C ASN A 280 11.56 15.02 8.12
N LYS A 281 11.15 13.94 8.79
CA LYS A 281 11.12 12.65 8.14
C LYS A 281 10.08 12.65 7.03
N LEU A 282 8.89 13.17 7.31
CA LEU A 282 7.87 13.28 6.28
C LEU A 282 8.38 14.07 5.09
N ARG A 283 9.07 15.18 5.33
CA ARG A 283 9.64 15.95 4.25
CA ARG A 283 9.64 15.95 4.25
C ARG A 283 10.63 15.12 3.46
N TYR A 284 11.46 14.33 4.14
CA TYR A 284 12.44 13.49 3.45
C TYR A 284 11.74 12.44 2.61
N ILE A 285 10.68 11.83 3.13
CA ILE A 285 9.94 10.82 2.38
C ILE A 285 9.27 11.43 1.15
N VAL A 286 8.62 12.59 1.30
CA VAL A 286 8.02 13.26 0.14
C VAL A 286 9.10 13.59 -0.88
N ALA A 287 10.21 14.15 -0.40
CA ALA A 287 11.29 14.53 -1.31
C ALA A 287 11.78 13.34 -2.13
N ARG A 288 12.03 12.25 -1.45
CA ARG A 288 12.71 11.13 -2.10
C ARG A 288 11.77 10.21 -2.88
N TYR A 289 10.50 10.11 -2.45
CA TYR A 289 9.58 9.13 -3.04
C TYR A 289 8.27 9.72 -3.55
N GLY A 290 7.95 10.97 -3.20
CA GLY A 290 6.65 11.55 -3.53
C GLY A 290 6.36 11.62 -5.01
N TYR A 291 7.39 11.80 -5.83
CA TYR A 291 7.20 11.88 -7.28
C TYR A 291 6.47 10.67 -7.84
N SER A 292 6.58 9.52 -7.17
CA SER A 292 6.27 8.25 -7.81
C SER A 292 4.78 7.95 -7.82
N THR A 293 4.22 7.71 -9.01
CA THR A 293 2.85 7.22 -9.04
C THR A 293 2.75 5.80 -8.50
N ASN A 294 3.89 5.13 -8.30
CA ASN A 294 3.87 3.79 -7.72
C ASN A 294 3.79 3.80 -6.19
N VAL A 295 3.78 4.97 -5.56
CA VAL A 295 3.38 5.08 -4.16
C VAL A 295 1.86 5.20 -4.14
N PHE A 296 1.19 4.13 -3.71
CA PHE A 296 -0.26 4.14 -3.55
C PHE A 296 -0.67 4.98 -2.36
N ALA A 297 -0.01 4.81 -1.23
CA ALA A 297 -0.46 5.50 -0.04
C ALA A 297 0.66 5.64 0.98
N TRP A 298 0.56 6.74 1.72
CA TRP A 298 1.33 6.95 2.93
C TRP A 298 0.51 6.45 4.12
N GLU A 299 1.06 5.51 4.88
CA GLU A 299 0.40 4.97 6.07
C GLU A 299 1.24 5.34 7.27
N PHE A 300 0.66 6.10 8.21
CA PHE A 300 1.46 6.58 9.34
C PHE A 300 1.90 5.42 10.23
N TRP A 301 0.94 4.60 10.65
CA TRP A 301 1.20 3.58 11.66
C TRP A 301 0.69 2.20 11.26
N ASN A 302 1.51 1.19 11.58
CA ASN A 302 1.04 -0.18 11.72
C ASN A 302 0.53 -0.36 13.14
N GLN A 303 -0.78 -0.48 13.31
CA GLN A 303 -1.42 -0.92 14.54
C GLN A 303 -1.13 0.00 15.73
N VAL A 304 -1.43 1.28 15.55
CA VAL A 304 -1.11 2.28 16.57
C VAL A 304 -1.81 2.04 17.90
N ASP A 305 -2.94 1.33 17.89
CA ASP A 305 -3.66 1.04 19.12
C ASP A 305 -2.92 0.10 20.06
N ILE A 306 -1.91 -0.64 19.58
CA ILE A 306 -1.21 -1.56 20.48
C ILE A 306 0.24 -1.14 20.74
N ILE A 307 0.52 0.15 20.64
CA ILE A 307 1.63 0.73 21.39
C ILE A 307 1.37 0.46 22.86
N SER A 308 2.35 0.74 23.70
CA SER A 308 2.16 0.53 25.13
C SER A 308 0.87 1.19 25.59
N PRO A 309 0.05 0.52 26.41
CA PRO A 309 -1.10 1.20 27.01
C PRO A 309 -0.73 2.39 27.86
N THR A 310 0.53 2.53 28.29
CA THR A 310 0.91 3.76 28.98
C THR A 310 1.01 4.95 28.03
N ALA A 311 0.98 4.69 26.72
CA ALA A 311 1.28 5.70 25.73
C ALA A 311 0.10 6.03 24.83
N PHE A 312 -0.99 5.25 24.88
CA PHE A 312 -2.09 5.44 23.95
C PHE A 312 -3.15 6.30 24.61
N VAL A 313 -3.23 7.55 24.17
CA VAL A 313 -4.16 8.53 24.65
C VAL A 313 -4.97 8.92 23.42
N ILE A 314 -6.22 8.48 23.36
CA ILE A 314 -6.95 8.54 22.08
C ILE A 314 -7.00 9.96 21.54
N GLY A 315 -7.29 10.94 22.39
CA GLY A 315 -7.37 12.30 21.91
C GLY A 315 -6.07 12.84 21.39
N GLU A 316 -4.96 12.42 21.98
CA GLU A 316 -3.65 12.87 21.52
C GLU A 316 -3.27 12.19 20.22
N VAL A 317 -3.57 10.89 20.09
CA VAL A 317 -3.26 10.17 18.87
C VAL A 317 -4.11 10.71 17.73
N LYS A 318 -5.39 11.04 18.02
CA LYS A 318 -6.25 11.64 17.02
C LYS A 318 -5.71 12.98 16.55
N LYS A 319 -5.38 13.87 17.49
CA LYS A 319 -4.88 15.18 17.09
C LYS A 319 -3.59 15.05 16.30
N TRP A 320 -2.71 14.15 16.71
CA TRP A 320 -1.46 13.97 15.98
C TRP A 320 -1.73 13.53 14.55
N HIS A 321 -2.65 12.59 14.36
CA HIS A 321 -2.99 12.17 13.01
C HIS A 321 -3.58 13.31 12.20
N GLU A 322 -4.46 14.10 12.79
CA GLU A 322 -5.03 15.24 12.07
C GLU A 322 -3.92 16.22 11.64
N ASP A 323 -3.05 16.55 12.57
CA ASP A 323 -1.99 17.53 12.31
C ASP A 323 -0.98 17.00 11.31
N MET A 324 -0.57 15.74 11.45
CA MET A 324 0.43 15.19 10.53
C MET A 324 -0.16 14.99 9.13
N ALA A 325 -1.42 14.57 9.05
CA ALA A 325 -2.05 14.46 7.73
C ALA A 325 -2.15 15.81 7.05
N LYS A 326 -2.51 16.84 7.80
CA LYS A 326 -2.55 18.18 7.23
C LYS A 326 -1.17 18.60 6.76
N TYR A 327 -0.14 18.40 7.60
CA TYR A 327 1.22 18.77 7.21
C TYR A 327 1.67 17.99 5.97
N LEU A 328 1.52 16.66 5.99
CA LEU A 328 1.97 15.82 4.89
C LEU A 328 1.29 16.24 3.60
N ASN A 329 -0.02 16.44 3.64
CA ASN A 329 -0.73 16.91 2.45
CA ASN A 329 -0.73 16.90 2.46
C ASN A 329 -0.16 18.24 1.97
N SER A 330 0.15 19.16 2.91
CA SER A 330 0.58 20.50 2.51
C SER A 330 1.92 20.49 1.80
N ILE A 331 2.81 19.53 2.14
CA ILE A 331 4.14 19.49 1.52
C ILE A 331 4.26 18.52 0.35
N ASP A 332 3.28 17.65 0.16
CA ASP A 332 3.34 16.63 -0.89
C ASP A 332 2.74 17.22 -2.15
N PRO A 333 3.55 17.57 -3.15
CA PRO A 333 2.98 18.18 -4.38
C PRO A 333 1.97 17.30 -5.10
N TRP A 334 1.98 15.99 -4.87
CA TRP A 334 1.13 15.05 -5.60
C TRP A 334 -0.02 14.54 -4.76
N LYS A 335 -0.10 14.93 -3.50
CA LYS A 335 -1.27 14.65 -2.65
C LYS A 335 -1.61 13.16 -2.62
N HIS A 336 -0.62 12.33 -2.30
CA HIS A 336 -0.90 10.92 -2.17
C HIS A 336 -1.91 10.65 -1.06
N LEU A 337 -2.63 9.54 -1.20
CA LEU A 337 -3.53 9.07 -0.17
C LEU A 337 -2.79 8.84 1.14
N ILE A 338 -3.51 9.03 2.25
CA ILE A 338 -3.00 8.90 3.62
C ILE A 338 -3.92 7.99 4.39
N THR A 339 -3.35 7.08 5.16
CA THR A 339 -4.12 6.17 6.01
C THR A 339 -3.34 5.86 7.30
N THR A 340 -3.93 5.05 8.17
CA THR A 340 -3.29 4.50 9.37
C THR A 340 -4.03 3.21 9.69
N SER A 341 -3.47 2.40 10.60
CA SER A 341 -4.06 1.10 10.88
C SER A 341 -4.07 0.77 12.37
N PHE A 342 -4.91 -0.21 12.68
CA PHE A 342 -5.17 -0.68 14.03
C PHE A 342 -5.16 -2.21 14.06
N ALA A 343 -4.69 -2.75 15.18
CA ALA A 343 -4.78 -4.19 15.39
C ALA A 343 -6.22 -4.62 15.65
N PHE A 344 -6.95 -3.83 16.43
CA PHE A 344 -8.34 -4.15 16.74
C PHE A 344 -9.14 -4.10 15.46
N SER A 345 -9.78 -5.22 15.10
CA SER A 345 -10.37 -5.29 13.77
C SER A 345 -11.39 -4.20 13.51
N PRO A 346 -12.29 -3.84 14.44
CA PRO A 346 -13.24 -2.76 14.17
C PRO A 346 -12.62 -1.36 14.09
N GLY A 347 -11.33 -1.21 14.40
CA GLY A 347 -10.68 0.08 14.30
C GLY A 347 -11.03 1.02 15.44
N LYS A 348 -10.72 2.30 15.24
CA LYS A 348 -10.94 3.36 16.23
C LYS A 348 -11.71 4.46 15.52
N PRO A 349 -13.03 4.52 15.64
CA PRO A 349 -13.81 5.52 14.89
C PRO A 349 -13.33 6.96 15.05
N GLU A 350 -12.86 7.34 16.23
CA GLU A 350 -12.42 8.71 16.44
C GLU A 350 -11.27 9.07 15.50
N ILE A 351 -10.45 8.10 15.13
CA ILE A 351 -9.36 8.34 14.19
C ILE A 351 -9.77 8.04 12.75
N ASP A 352 -10.45 6.92 12.54
CA ASP A 352 -10.85 6.55 11.19
C ASP A 352 -11.73 7.60 10.53
N SER A 353 -12.48 8.35 11.32
CA SER A 353 -13.40 9.32 10.76
C SER A 353 -12.72 10.63 10.37
N ILE A 354 -11.44 10.81 10.69
CA ILE A 354 -10.74 12.05 10.34
C ILE A 354 -10.73 12.23 8.83
N SER A 355 -11.01 13.44 8.36
CA SER A 355 -11.07 13.67 6.92
C SER A 355 -9.69 13.53 6.27
N GLY A 356 -8.62 13.81 7.02
CA GLY A 356 -7.28 13.71 6.48
C GLY A 356 -6.84 12.30 6.18
N LEU A 357 -7.52 11.29 6.71
CA LEU A 357 -7.25 9.90 6.33
C LEU A 357 -8.20 9.55 5.20
N ASN A 358 -7.65 9.30 4.02
CA ASN A 358 -8.47 9.15 2.84
C ASN A 358 -9.17 7.80 2.74
N PHE A 359 -8.68 6.79 3.45
CA PHE A 359 -9.29 5.48 3.45
C PHE A 359 -9.04 4.80 4.77
N VAL A 360 -9.86 3.81 5.07
CA VAL A 360 -9.78 3.08 6.32
C VAL A 360 -9.30 1.67 6.04
N GLN A 361 -8.82 1.02 7.07
CA GLN A 361 -8.32 -0.33 6.95
C GLN A 361 -8.85 -1.23 8.05
N THR A 362 -8.71 -2.54 7.80
CA THR A 362 -8.94 -3.56 8.80
C THR A 362 -7.75 -4.51 8.81
N HIS A 363 -7.31 -4.88 10.00
CA HIS A 363 -6.46 -6.03 10.22
C HIS A 363 -7.27 -7.08 10.94
N ILE A 364 -7.21 -8.33 10.48
CA ILE A 364 -7.95 -9.40 11.14
C ILE A 364 -7.22 -10.72 11.01
N TYR A 365 -6.95 -11.34 12.15
CA TYR A 365 -6.38 -12.67 12.25
C TYR A 365 -7.37 -13.49 13.07
N LYS A 366 -8.08 -14.39 12.39
CA LYS A 366 -9.21 -15.11 12.95
C LYS A 366 -9.32 -16.46 12.27
N SER A 367 -9.42 -17.52 13.05
CA SER A 367 -9.40 -18.85 12.46
C SER A 367 -10.77 -19.40 12.14
N ASN A 368 -11.79 -19.02 12.88
CA ASN A 368 -13.10 -19.63 12.73
C ASN A 368 -14.09 -18.65 12.12
N ARG A 369 -14.77 -19.11 11.07
CA ARG A 369 -15.83 -18.33 10.43
C ARG A 369 -15.33 -16.95 10.01
N TYR A 370 -14.09 -16.89 9.50
CA TYR A 370 -13.54 -15.60 9.08
C TYR A 370 -14.26 -15.02 7.87
N ILE A 371 -14.96 -15.85 7.08
CA ILE A 371 -15.71 -15.29 5.96
C ILE A 371 -16.80 -14.36 6.47
N ASP A 372 -17.57 -14.81 7.48
CA ASP A 372 -18.60 -13.97 8.06
C ASP A 372 -18.01 -12.75 8.75
N ALA A 373 -16.86 -12.92 9.42
CA ALA A 373 -16.21 -11.79 10.09
C ALA A 373 -15.81 -10.72 9.07
N LEU A 374 -15.25 -11.14 7.95
CA LEU A 374 -14.88 -10.18 6.90
C LEU A 374 -16.10 -9.45 6.38
N LEU A 375 -17.16 -10.19 6.05
CA LEU A 375 -18.36 -9.54 5.54
C LEU A 375 -18.91 -8.55 6.56
N SER A 376 -18.93 -8.95 7.84
CA SER A 376 -19.46 -8.06 8.87
C SER A 376 -18.64 -6.78 8.98
N LEU A 377 -17.30 -6.88 8.95
CA LEU A 377 -16.47 -5.69 9.06
C LEU A 377 -16.62 -4.79 7.84
N ILE A 378 -16.74 -5.39 6.66
CA ILE A 378 -16.90 -4.58 5.46
C ILE A 378 -18.25 -3.86 5.49
N ALA A 379 -19.30 -4.53 5.94
CA ALA A 379 -20.58 -3.85 6.07
C ALA A 379 -20.50 -2.71 7.08
N TYR A 380 -19.86 -2.95 8.22
CA TYR A 380 -19.76 -1.93 9.26
C TYR A 380 -19.02 -0.70 8.78
N LYS A 381 -17.88 -0.87 8.13
CA LYS A 381 -17.04 0.27 7.76
C LYS A 381 -17.55 1.06 6.56
N GLU A 382 -18.66 0.63 5.95
CA GLU A 382 -19.33 1.47 4.96
C GLU A 382 -19.78 2.79 5.57
N LYS A 383 -19.89 2.85 6.89
CA LYS A 383 -20.30 4.10 7.51
C LYS A 383 -19.34 5.25 7.21
N TYR A 384 -18.06 4.97 6.92
CA TYR A 384 -17.08 6.03 6.72
C TYR A 384 -17.19 6.69 5.35
N ARG A 385 -17.89 6.07 4.40
CA ARG A 385 -18.07 6.63 3.04
C ARG A 385 -16.73 6.97 2.39
N LYS A 386 -15.76 6.10 2.60
CA LYS A 386 -14.49 6.15 1.91
C LYS A 386 -13.97 4.75 1.80
N PRO A 387 -12.96 4.50 0.96
CA PRO A 387 -12.57 3.12 0.68
C PRO A 387 -12.08 2.39 1.91
N HIS A 388 -12.20 1.06 1.85
CA HIS A 388 -11.82 0.15 2.92
C HIS A 388 -10.87 -0.89 2.34
N LEU A 389 -9.70 -1.00 2.93
CA LEU A 389 -8.69 -1.99 2.57
C LEU A 389 -8.50 -2.94 3.74
N VAL A 390 -8.70 -4.22 3.50
CA VAL A 390 -8.39 -5.24 4.50
C VAL A 390 -6.88 -5.46 4.40
N GLY A 391 -6.13 -4.63 5.13
CA GLY A 391 -4.70 -4.52 4.94
C GLY A 391 -3.86 -5.63 5.53
N GLU A 392 -4.40 -6.40 6.47
CA GLU A 392 -3.73 -7.61 6.96
C GLU A 392 -4.78 -8.66 7.27
N PHE A 393 -4.49 -9.89 6.87
CA PHE A 393 -5.39 -11.00 7.11
C PHE A 393 -4.61 -12.29 7.26
N GLY A 394 -5.08 -13.13 8.17
CA GLY A 394 -4.58 -14.50 8.30
C GLY A 394 -5.42 -15.24 9.32
N LEU A 395 -5.05 -16.49 9.56
CA LEU A 395 -5.62 -17.24 10.67
C LEU A 395 -5.13 -16.67 12.00
N ASP A 396 -5.76 -17.08 13.10
CA ASP A 396 -5.21 -16.78 14.41
C ASP A 396 -4.54 -18.03 14.96
N ALA A 397 -3.41 -18.38 14.32
CA ALA A 397 -2.78 -19.68 14.53
C ALA A 397 -1.31 -19.56 14.91
N GLY A 398 -0.94 -18.46 15.56
CA GLY A 398 0.43 -18.24 15.99
C GLY A 398 1.44 -18.37 14.87
N GLY A 399 1.06 -17.98 13.66
CA GLY A 399 1.95 -18.04 12.53
C GLY A 399 2.06 -19.40 11.87
N ASN A 400 1.20 -20.34 12.23
CA ASN A 400 1.26 -21.70 11.70
C ASN A 400 0.47 -21.87 10.41
N ASP A 401 0.00 -20.78 9.80
CA ASP A 401 -0.81 -20.89 8.60
C ASP A 401 -0.11 -21.75 7.56
N LEU A 402 1.20 -21.62 7.42
CA LEU A 402 1.90 -22.38 6.39
C LEU A 402 1.80 -23.88 6.61
N TRP A 403 1.61 -24.36 7.85
CA TRP A 403 1.47 -25.79 8.11
C TRP A 403 0.01 -26.24 8.04
N VAL A 404 -0.88 -25.41 8.59
CA VAL A 404 -2.32 -25.69 8.63
C VAL A 404 -2.90 -25.69 7.24
N ASP A 405 -2.41 -24.84 6.34
CA ASP A 405 -3.07 -24.58 5.06
C ASP A 405 -2.02 -24.37 3.97
N PRO A 406 -1.22 -25.39 3.67
CA PRO A 406 -0.18 -25.22 2.63
C PRO A 406 -0.72 -24.89 1.25
N ASN A 407 -1.98 -25.19 0.95
CA ASN A 407 -2.56 -24.85 -0.34
C ASN A 407 -3.10 -23.44 -0.43
N GLY A 408 -3.13 -22.70 0.68
CA GLY A 408 -3.58 -21.33 0.63
C GLY A 408 -5.08 -21.15 0.54
N TYR A 409 -5.85 -22.14 0.98
CA TYR A 409 -7.31 -22.01 0.95
C TYR A 409 -7.81 -20.86 1.80
N VAL A 410 -7.13 -20.56 2.91
CA VAL A 410 -7.55 -19.46 3.77
C VAL A 410 -7.42 -18.15 3.01
N ILE A 411 -6.26 -17.93 2.39
CA ILE A 411 -6.05 -16.74 1.58
C ILE A 411 -7.08 -16.69 0.47
N HIS A 412 -7.27 -17.82 -0.20
CA HIS A 412 -8.25 -17.91 -1.29
C HIS A 412 -9.62 -17.45 -0.83
N ASN A 413 -10.12 -18.03 0.27
CA ASN A 413 -11.44 -17.63 0.77
C ASN A 413 -11.51 -16.14 1.05
N ALA A 414 -10.45 -15.59 1.65
CA ALA A 414 -10.48 -14.17 2.03
C ALA A 414 -10.45 -13.25 0.83
N ILE A 415 -9.66 -13.55 -0.20
CA ILE A 415 -9.55 -12.62 -1.31
C ILE A 415 -10.85 -12.58 -2.10
N TRP A 416 -11.51 -13.73 -2.28
CA TRP A 416 -12.80 -13.75 -2.94
C TRP A 416 -13.87 -13.05 -2.09
N THR A 417 -13.92 -13.34 -0.79
CA THR A 417 -14.92 -12.72 0.09
C THR A 417 -14.80 -11.20 0.07
N THR A 418 -13.57 -10.70 0.16
CA THR A 418 -13.40 -9.26 0.32
C THR A 418 -13.75 -8.52 -0.97
N ILE A 419 -13.27 -9.00 -2.12
CA ILE A 419 -13.48 -8.24 -3.36
C ILE A 419 -14.93 -8.32 -3.81
N LEU A 420 -15.68 -9.36 -3.41
CA LEU A 420 -17.08 -9.49 -3.78
C LEU A 420 -18.01 -9.08 -2.64
N SER A 421 -17.46 -8.47 -1.60
CA SER A 421 -18.29 -7.89 -0.56
C SER A 421 -18.27 -6.38 -0.54
N GLY A 422 -17.48 -5.74 -1.40
CA GLY A 422 -17.40 -4.30 -1.47
C GLY A 422 -16.16 -3.66 -0.90
N ALA A 423 -15.20 -4.46 -0.46
CA ALA A 423 -13.92 -3.87 -0.11
C ALA A 423 -13.24 -3.36 -1.38
N SER A 424 -12.30 -2.44 -1.18
CA SER A 424 -11.66 -1.79 -2.31
C SER A 424 -10.74 -2.73 -3.09
N GLY A 425 -10.33 -3.84 -2.50
CA GLY A 425 -9.47 -4.80 -3.15
C GLY A 425 -9.41 -6.07 -2.32
N THR A 426 -8.40 -6.89 -2.59
CA THR A 426 -8.30 -8.15 -1.87
C THR A 426 -7.87 -7.93 -0.43
N ALA A 427 -8.29 -8.87 0.44
CA ALA A 427 -7.64 -9.06 1.73
C ALA A 427 -6.16 -9.29 1.50
N MET A 428 -5.33 -8.63 2.29
CA MET A 428 -3.88 -8.63 2.09
C MET A 428 -3.22 -9.57 3.09
N SER A 429 -2.76 -10.70 2.59
CA SER A 429 -2.20 -11.74 3.42
C SER A 429 -0.87 -11.33 4.06
N TRP A 430 -0.59 -11.93 5.22
CA TRP A 430 0.73 -11.94 5.84
C TRP A 430 1.51 -13.09 5.19
N TRP A 431 2.71 -13.37 5.68
CA TRP A 431 3.40 -14.62 5.35
C TRP A 431 3.90 -14.69 3.89
N TRP A 432 4.31 -13.54 3.32
CA TRP A 432 4.80 -13.51 1.94
C TRP A 432 6.03 -14.39 1.76
N ASP A 433 6.88 -14.46 2.78
CA ASP A 433 8.22 -15.02 2.64
C ASP A 433 8.26 -16.50 3.01
N ASN A 434 7.47 -16.94 3.98
CA ASN A 434 7.49 -18.33 4.43
C ASN A 434 6.33 -19.15 3.90
N HIS A 435 5.35 -18.53 3.25
CA HIS A 435 4.13 -19.21 2.85
C HIS A 435 3.78 -18.90 1.40
N ILE A 436 3.46 -17.65 1.09
CA ILE A 436 3.01 -17.33 -0.25
C ILE A 436 4.05 -17.77 -1.27
N HIS A 437 5.28 -17.39 -1.03
CA HIS A 437 6.31 -17.73 -2.05
C HIS A 437 6.67 -19.22 -2.06
N PRO A 438 7.11 -19.81 -0.95
CA PRO A 438 7.52 -21.23 -1.04
C PRO A 438 6.38 -22.18 -1.40
N ASN A 439 5.17 -21.90 -0.97
CA ASN A 439 4.00 -22.71 -1.33
C ASN A 439 3.40 -22.29 -2.65
N ASN A 440 3.99 -21.29 -3.31
CA ASN A 440 3.63 -20.92 -4.66
C ASN A 440 2.13 -20.63 -4.80
N LEU A 441 1.65 -19.70 -4.00
CA LEU A 441 0.23 -19.44 -3.87
C LEU A 441 -0.26 -18.36 -4.83
N TYR A 442 0.60 -17.87 -5.71
CA TYR A 442 0.25 -16.75 -6.57
C TYR A 442 -0.92 -17.05 -7.49
N PHE A 443 -1.10 -18.32 -7.87
CA PHE A 443 -2.17 -18.69 -8.80
C PHE A 443 -3.53 -18.28 -8.28
N HIS A 444 -3.71 -18.18 -6.96
CA HIS A 444 -5.00 -17.75 -6.44
C HIS A 444 -5.31 -16.33 -6.90
N TYR A 445 -4.31 -15.46 -6.88
CA TYR A 445 -4.50 -14.08 -7.27
C TYR A 445 -4.75 -13.96 -8.76
N ARG A 446 -4.05 -14.76 -9.57
CA ARG A 446 -4.25 -14.69 -11.01
C ARG A 446 -5.68 -15.04 -11.36
N ALA A 447 -6.21 -16.06 -10.72
CA ALA A 447 -7.58 -16.46 -11.01
C ALA A 447 -8.57 -15.36 -10.64
N LEU A 448 -8.37 -14.70 -9.51
CA LEU A 448 -9.29 -13.64 -9.10
C LEU A 448 -9.14 -12.43 -10.02
N ALA A 449 -7.90 -12.03 -10.32
CA ALA A 449 -7.69 -10.87 -11.19
C ALA A 449 -8.36 -11.07 -12.54
N ASP A 450 -8.24 -12.27 -13.10
CA ASP A 450 -8.84 -12.51 -14.41
C ASP A 450 -10.36 -12.44 -14.37
N PHE A 451 -10.96 -12.69 -13.20
CA PHE A 451 -12.41 -12.63 -13.05
C PHE A 451 -12.91 -11.19 -12.96
N VAL A 452 -12.16 -10.29 -12.31
CA VAL A 452 -12.67 -8.95 -12.01
C VAL A 452 -12.19 -7.87 -13.00
N LYS A 453 -11.10 -8.11 -13.72
CA LYS A 453 -10.40 -6.98 -14.34
C LYS A 453 -11.14 -6.36 -15.52
N ASP A 454 -12.09 -7.08 -16.13
CA ASP A 454 -12.81 -6.55 -17.29
CA ASP A 454 -12.81 -6.54 -17.28
C ASP A 454 -14.10 -5.82 -16.92
N ILE A 455 -14.40 -5.67 -15.64
CA ILE A 455 -15.57 -4.92 -15.20
C ILE A 455 -15.10 -3.62 -14.58
N ASN A 456 -15.73 -2.51 -14.97
CA ASN A 456 -15.49 -1.22 -14.33
C ASN A 456 -16.34 -1.17 -13.06
N PHE A 457 -15.73 -1.52 -11.94
CA PHE A 457 -16.40 -1.46 -10.65
C PHE A 457 -16.84 -0.05 -10.29
N LEU A 458 -16.19 0.97 -10.85
CA LEU A 458 -16.54 2.34 -10.51
C LEU A 458 -17.92 2.71 -10.97
N GLU A 459 -18.42 2.03 -12.00
CA GLU A 459 -19.62 2.42 -12.70
C GLU A 459 -20.78 1.45 -12.50
N GLU A 460 -20.56 0.30 -11.87
CA GLU A 460 -21.60 -0.72 -11.75
C GLU A 460 -22.65 -0.44 -10.68
N LYS A 461 -22.40 0.53 -9.79
CA LYS A 461 -23.27 0.76 -8.63
C LYS A 461 -23.46 -0.52 -7.80
N PHE A 462 -22.38 -1.28 -7.63
CA PHE A 462 -22.46 -2.56 -6.94
C PHE A 462 -22.97 -2.38 -5.51
N GLU A 463 -23.86 -3.26 -5.09
CA GLU A 463 -24.26 -3.35 -3.71
C GLU A 463 -24.05 -4.78 -3.24
N ARG A 464 -23.74 -4.95 -1.95
CA ARG A 464 -23.72 -6.28 -1.37
C ARG A 464 -25.01 -6.98 -1.76
N LEU A 465 -24.89 -8.23 -2.20
CA LEU A 465 -26.06 -8.99 -2.60
C LEU A 465 -26.97 -9.25 -1.39
N THR A 466 -28.27 -9.02 -1.59
CA THR A 466 -29.34 -9.39 -0.68
C THR A 466 -30.47 -9.92 -1.54
N ASN A 467 -31.57 -10.29 -0.92
CA ASN A 467 -32.78 -10.71 -1.64
C ASN A 467 -32.54 -11.98 -2.45
N TYR A 468 -31.70 -12.88 -1.93
CA TYR A 468 -31.47 -14.15 -2.59
C TYR A 468 -32.12 -15.27 -1.78
N LYS A 469 -32.36 -16.39 -2.46
CA LYS A 469 -32.93 -17.55 -1.81
C LYS A 469 -32.32 -18.81 -2.42
N PHE A 470 -31.69 -19.63 -1.60
CA PHE A 470 -31.13 -20.89 -2.05
C PHE A 470 -32.20 -21.98 -2.06
N ASN A 471 -32.07 -22.92 -3.00
CA ASN A 471 -32.86 -24.15 -3.03
C ASN A 471 -31.86 -25.29 -3.25
N VAL A 472 -31.33 -25.81 -2.16
CA VAL A 472 -30.28 -26.82 -2.17
C VAL A 472 -30.58 -27.81 -1.06
N TYR A 473 -30.63 -29.11 -1.40
CA TYR A 473 -31.09 -30.11 -0.45
C TYR A 473 -29.96 -30.91 0.18
N ASN A 474 -28.92 -31.25 -0.56
CA ASN A 474 -27.91 -32.16 -0.03
C ASN A 474 -26.70 -31.46 0.56
N ARG A 475 -26.57 -30.14 0.38
CA ARG A 475 -25.39 -29.42 0.83
C ARG A 475 -25.79 -28.10 1.47
N GLU A 476 -24.91 -27.58 2.32
CA GLU A 476 -25.04 -26.22 2.87
C GLU A 476 -24.14 -25.32 2.03
N ILE A 477 -24.75 -24.58 1.11
CA ILE A 477 -24.04 -23.64 0.25
C ILE A 477 -24.38 -22.23 0.71
N LYS A 478 -23.36 -21.39 0.77
CA LYS A 478 -23.49 -19.98 1.13
C LYS A 478 -22.95 -19.14 -0.02
N VAL A 479 -23.31 -17.86 0.00
CA VAL A 479 -22.95 -16.95 -1.07
C VAL A 479 -22.46 -15.61 -0.53
N ILE A 480 -21.44 -15.07 -1.18
CA ILE A 480 -21.00 -13.69 -1.05
C ILE A 480 -21.16 -13.09 -2.44
N GLY A 481 -21.79 -11.93 -2.53
CA GLY A 481 -22.18 -11.45 -3.84
C GLY A 481 -22.24 -9.95 -3.92
N LEU A 482 -22.13 -9.47 -5.16
CA LEU A 482 -22.40 -8.08 -5.50
C LEU A 482 -23.43 -8.04 -6.60
N GLN A 483 -24.39 -7.12 -6.49
CA GLN A 483 -25.40 -6.92 -7.51
C GLN A 483 -25.23 -5.50 -8.03
N GLY A 484 -25.01 -5.38 -9.34
CA GLY A 484 -24.85 -4.09 -9.98
C GLY A 484 -25.88 -3.87 -11.07
N LYS A 485 -25.70 -2.76 -11.78
CA LYS A 485 -26.69 -2.38 -12.79
C LYS A 485 -26.61 -3.27 -14.02
N LYS A 486 -25.45 -3.88 -14.28
CA LYS A 486 -25.31 -4.76 -15.41
C LYS A 486 -24.84 -6.15 -14.97
N TYR A 487 -23.96 -6.23 -13.97
CA TYR A 487 -23.42 -7.52 -13.56
C TYR A 487 -23.85 -7.88 -12.14
N ILE A 488 -24.04 -9.17 -11.92
CA ILE A 488 -24.09 -9.75 -10.58
C ILE A 488 -22.92 -10.71 -10.47
N LEU A 489 -22.09 -10.52 -9.44
CA LEU A 489 -20.93 -11.39 -9.23
C LEU A 489 -21.14 -12.21 -7.97
N LEU A 490 -21.06 -13.54 -8.10
CA LEU A 490 -21.30 -14.41 -6.97
C LEU A 490 -20.07 -15.26 -6.66
N TRP A 491 -19.82 -15.46 -5.38
CA TRP A 491 -18.86 -16.45 -4.91
C TRP A 491 -19.64 -17.40 -4.01
N LEU A 492 -19.82 -18.63 -4.47
CA LEU A 492 -20.54 -19.64 -3.71
C LEU A 492 -19.51 -20.53 -3.02
N TYR A 493 -19.80 -20.93 -1.79
CA TYR A 493 -18.90 -21.82 -1.09
C TYR A 493 -19.68 -22.84 -0.28
N ASN A 494 -19.07 -24.02 -0.15
CA ASN A 494 -19.63 -25.09 0.65
C ASN A 494 -19.22 -24.85 2.10
N ALA A 495 -20.19 -24.64 2.98
CA ALA A 495 -19.88 -24.29 4.35
C ALA A 495 -19.15 -25.42 5.08
N LYS A 496 -19.36 -26.66 4.67
CA LYS A 496 -18.76 -27.80 5.35
C LYS A 496 -17.38 -28.15 4.81
N GLU A 497 -16.95 -27.52 3.72
CA GLU A 497 -15.65 -27.81 3.12
C GLU A 497 -14.72 -26.60 3.07
N ALA A 498 -15.25 -25.38 3.08
CA ALA A 498 -14.41 -24.19 2.89
C ALA A 498 -13.39 -24.01 4.00
N TYR A 499 -13.64 -24.54 5.20
CA TYR A 499 -12.78 -24.34 6.35
C TYR A 499 -11.96 -25.58 6.69
N GLN A 500 -11.90 -26.56 5.79
CA GLN A 500 -11.05 -27.73 5.92
C GLN A 500 -9.98 -27.62 4.87
N TYR A 501 -8.73 -27.87 5.24
CA TYR A 501 -7.61 -27.51 4.39
C TYR A 501 -6.72 -28.69 4.06
N LYS A 502 -7.17 -29.92 4.30
CA LYS A 502 -6.30 -31.06 4.10
C LYS A 502 -6.31 -31.57 2.67
N LYS A 503 -7.44 -31.44 1.97
CA LYS A 503 -7.56 -32.04 0.65
C LYS A 503 -6.74 -31.26 -0.36
N ASP A 504 -6.42 -31.94 -1.47
CA ASP A 504 -5.65 -31.31 -2.53
C ASP A 504 -6.52 -30.32 -3.30
N ILE A 505 -5.86 -29.44 -4.05
CA ILE A 505 -6.55 -28.42 -4.84
C ILE A 505 -7.62 -29.10 -5.68
N PRO A 506 -8.85 -28.58 -5.70
CA PRO A 506 -9.92 -29.25 -6.46
C PRO A 506 -9.56 -29.37 -7.95
N ASN A 507 -10.09 -30.43 -8.56
CA ASN A 507 -9.79 -30.75 -9.95
C ASN A 507 -10.84 -31.71 -10.48
N MET A 508 -12.10 -31.33 -10.40
CA MET A 508 -13.18 -32.27 -10.64
C MET A 508 -14.04 -31.88 -11.84
N ASP A 509 -14.91 -32.83 -12.17
CA ASP A 509 -15.98 -32.53 -13.09
C ASP A 509 -16.95 -31.52 -12.48
N SER A 510 -17.70 -30.84 -13.36
CA SER A 510 -18.78 -29.95 -12.94
C SER A 510 -19.99 -30.16 -13.86
N SER A 511 -20.42 -31.42 -13.97
CA SER A 511 -21.54 -31.78 -14.82
C SER A 511 -22.86 -31.95 -14.05
N LYS A 512 -22.80 -32.25 -12.76
CA LYS A 512 -24.04 -32.48 -12.02
C LYS A 512 -24.68 -31.18 -11.54
N PHE A 513 -26.01 -31.25 -11.38
CA PHE A 513 -26.82 -30.17 -10.83
C PHE A 513 -26.89 -30.32 -9.31
N LEU A 514 -26.52 -29.27 -8.59
CA LEU A 514 -26.55 -29.30 -7.13
C LEU A 514 -27.77 -28.65 -6.52
N GLY A 515 -28.35 -27.69 -7.20
CA GLY A 515 -29.35 -26.84 -6.61
C GLY A 515 -29.40 -25.54 -7.37
N SER A 516 -30.07 -24.57 -6.78
CA SER A 516 -30.27 -23.31 -7.46
C SER A 516 -30.22 -22.18 -6.46
N ILE A 517 -30.02 -20.98 -6.99
CA ILE A 517 -30.17 -19.73 -6.25
C ILE A 517 -31.01 -18.79 -7.09
N GLU A 518 -32.03 -18.20 -6.47
CA GLU A 518 -32.92 -17.27 -7.12
C GLU A 518 -32.57 -15.86 -6.69
N LEU A 519 -32.55 -14.95 -7.65
CA LEU A 519 -32.16 -13.58 -7.36
C LEU A 519 -33.21 -12.60 -7.85
N LEU A 520 -33.25 -11.44 -7.20
CA LEU A 520 -34.12 -10.34 -7.63
C LEU A 520 -33.50 -9.65 -8.84
N ILE A 521 -33.78 -10.21 -10.04
CA ILE A 521 -33.35 -9.58 -11.28
C ILE A 521 -34.33 -9.85 -12.41
N LYS A 522 -34.29 -8.94 -13.38
CA LYS A 522 -35.12 -9.02 -14.57
C LYS A 522 -34.35 -9.76 -15.65
N PRO A 523 -34.77 -10.96 -16.04
CA PRO A 523 -34.15 -11.64 -17.20
C PRO A 523 -34.47 -10.90 -18.48
N PRO A 524 -33.89 -11.30 -19.63
CA PRO A 524 -32.99 -12.46 -19.79
C PRO A 524 -31.58 -12.15 -19.28
N ILE A 525 -30.85 -13.19 -18.89
CA ILE A 525 -29.52 -13.01 -18.34
C ILE A 525 -28.57 -14.00 -18.98
N LYS A 526 -27.29 -13.67 -18.95
CA LYS A 526 -26.25 -14.61 -19.34
C LYS A 526 -25.44 -14.96 -18.11
N VAL A 527 -25.19 -16.26 -17.92
CA VAL A 527 -24.53 -16.76 -16.72
C VAL A 527 -23.22 -17.42 -17.13
N ILE A 528 -22.11 -17.01 -16.49
CA ILE A 528 -20.81 -17.62 -16.69
C ILE A 528 -20.36 -18.25 -15.37
N TYR A 529 -20.00 -19.52 -15.43
CA TYR A 529 -19.49 -20.25 -14.28
C TYR A 529 -17.97 -20.28 -14.39
N TYR A 530 -17.29 -19.99 -13.29
CA TYR A 530 -15.85 -19.70 -13.29
C TYR A 530 -15.14 -20.52 -12.23
N ASP A 531 -14.14 -21.30 -12.65
CA ASP A 531 -13.32 -22.09 -11.74
C ASP A 531 -12.33 -21.17 -11.05
N THR A 532 -12.43 -21.09 -9.72
CA THR A 532 -11.67 -20.10 -8.96
C THR A 532 -10.25 -20.57 -8.64
N TYR A 533 -9.93 -21.83 -8.94
CA TYR A 533 -8.59 -22.37 -8.76
C TYR A 533 -7.82 -22.44 -10.08
N ARG A 534 -8.48 -22.84 -11.16
CA ARG A 534 -7.82 -22.80 -12.47
C ARG A 534 -7.88 -21.41 -13.08
N GLY A 535 -8.81 -20.56 -12.63
CA GLY A 535 -9.00 -19.24 -13.21
C GLY A 535 -9.44 -19.29 -14.65
N GLU A 536 -10.55 -19.97 -14.90
CA GLU A 536 -11.05 -20.12 -16.27
C GLU A 536 -12.55 -20.35 -16.26
N LYS A 537 -13.18 -19.93 -17.34
CA LYS A 537 -14.60 -20.16 -17.52
C LYS A 537 -14.86 -21.65 -17.68
N ILE A 538 -15.88 -22.13 -16.99
CA ILE A 538 -16.28 -23.53 -17.06
C ILE A 538 -17.42 -23.72 -18.05
N LYS A 539 -18.37 -22.79 -18.06
CA LYS A 539 -19.64 -23.01 -18.73
C LYS A 539 -20.33 -21.67 -18.86
N GLU A 540 -21.09 -21.53 -19.95
CA GLU A 540 -21.91 -20.36 -20.18
C GLU A 540 -23.34 -20.83 -20.40
N LEU A 541 -24.30 -20.05 -19.91
CA LEU A 541 -25.70 -20.44 -20.02
C LEU A 541 -26.57 -19.19 -20.09
N ASP A 542 -27.46 -19.16 -21.08
CA ASP A 542 -28.45 -18.11 -21.20
C ASP A 542 -29.74 -18.55 -20.54
N LEU A 543 -30.36 -17.65 -19.78
CA LEU A 543 -31.55 -18.01 -19.05
C LEU A 543 -32.62 -16.95 -19.23
N ASP A 544 -33.90 -17.37 -19.16
CA ASP A 544 -35.01 -16.45 -19.21
C ASP A 544 -35.77 -16.36 -17.89
N LYS A 545 -35.22 -16.93 -16.83
CA LYS A 545 -35.77 -16.82 -15.48
C LYS A 545 -34.70 -16.33 -14.50
N ASN A 546 -35.15 -16.03 -13.28
CA ASN A 546 -34.30 -15.46 -12.25
C ASN A 546 -33.67 -16.53 -11.36
N VAL A 547 -33.71 -17.78 -11.79
CA VAL A 547 -33.25 -18.92 -10.98
C VAL A 547 -31.97 -19.45 -11.62
N ILE A 548 -30.87 -19.37 -10.89
CA ILE A 548 -29.54 -19.72 -11.41
C ILE A 548 -29.23 -21.16 -10.99
N PRO A 549 -29.07 -22.08 -11.92
CA PRO A 549 -28.61 -23.43 -11.53
C PRO A 549 -27.20 -23.38 -10.96
N ILE A 550 -26.97 -24.18 -9.92
CA ILE A 550 -25.66 -24.31 -9.31
C ILE A 550 -25.10 -25.65 -9.76
N ILE A 551 -24.03 -25.60 -10.55
CA ILE A 551 -23.36 -26.81 -11.00
C ILE A 551 -22.46 -27.36 -9.91
N GLU A 552 -22.06 -28.62 -10.05
CA GLU A 552 -21.22 -29.26 -9.06
C GLU A 552 -19.88 -28.55 -8.92
N PHE A 553 -19.45 -28.38 -7.68
CA PHE A 553 -18.12 -27.85 -7.37
C PHE A 553 -17.72 -28.42 -6.01
N GLU A 554 -16.42 -28.41 -5.73
CA GLU A 554 -15.96 -29.06 -4.50
C GLU A 554 -16.03 -28.14 -3.28
N ARG A 555 -15.36 -26.99 -3.35
CA ARG A 555 -15.17 -26.05 -2.25
C ARG A 555 -15.87 -24.72 -2.50
N ASP A 556 -15.63 -24.10 -3.66
CA ASP A 556 -16.21 -22.81 -3.96
C ASP A 556 -16.21 -22.64 -5.48
N LEU A 557 -17.03 -21.71 -5.95
CA LEU A 557 -17.30 -21.53 -7.36
C LEU A 557 -17.70 -20.08 -7.55
N ALA A 558 -17.23 -19.45 -8.63
CA ALA A 558 -17.66 -18.10 -8.94
C ALA A 558 -18.63 -18.09 -10.11
N ILE A 559 -19.56 -17.15 -10.09
CA ILE A 559 -20.54 -16.99 -11.15
C ILE A 559 -20.62 -15.52 -11.52
N LYS A 560 -20.53 -15.23 -12.81
CA LYS A 560 -20.68 -13.88 -13.34
C LYS A 560 -21.98 -13.83 -14.14
N ILE A 561 -22.93 -13.02 -13.70
CA ILE A 561 -24.24 -12.91 -14.35
C ILE A 561 -24.29 -11.56 -15.04
N GLU A 562 -24.70 -11.57 -16.31
CA GLU A 562 -24.83 -10.36 -17.10
C GLU A 562 -26.30 -10.15 -17.44
N LEU A 563 -26.84 -9.00 -17.07
CA LEU A 563 -28.20 -8.66 -17.44
C LEU A 563 -28.22 -8.14 -18.87
N LEU A 564 -29.03 -8.78 -19.70
CA LEU A 564 -29.03 -8.49 -21.12
C LEU A 564 -30.16 -7.54 -21.50
C1 BMA B . 0.34 -8.12 12.05
C2 BMA B . 1.69 -7.40 11.71
C3 BMA B . 2.96 -8.07 12.35
C4 BMA B . 2.77 -9.56 12.80
C5 BMA B . 1.56 -10.19 12.11
C6 BMA B . 1.15 -11.70 12.31
O1 BMA B . -0.37 -7.44 13.04
O2 BMA B . 1.48 -6.02 11.90
O3 BMA B . 3.31 -7.37 13.51
O4 BMA B . 3.84 -10.37 12.35
O5 BMA B . 0.44 -9.41 12.44
O6 BMA B . 1.26 -11.85 13.63
H1 BMA B . -0.22 -8.18 11.06
H2 BMA B . 1.95 -7.44 10.62
H3 BMA B . 3.74 -8.07 11.54
H4 BMA B . 2.65 -9.46 13.92
H5 BMA B . 1.76 -10.11 11.02
H61 BMA B . 0.13 -11.94 11.96
H62 BMA B . 1.82 -12.42 11.78
HO1 BMA B . 0.13 -6.70 13.28
HO2 BMA B . 1.03 -5.67 11.13
HO3 BMA B . 2.79 -7.74 14.28
HO6 BMA B . 0.37 -11.85 13.91
C1 BMA B . 4.93 -10.59 13.15
C2 BMA B . 5.82 -11.66 12.40
C3 BMA B . 7.21 -11.47 13.13
C4 BMA B . 7.68 -9.98 13.28
C5 BMA B . 6.62 -9.05 13.89
C6 BMA B . 6.94 -7.54 13.91
O2 BMA B . 5.82 -11.40 11.09
O3 BMA B . 8.23 -12.16 12.46
O4 BMA B . 8.77 -10.03 14.17
O5 BMA B . 5.50 -9.28 13.13
O6 BMA B . 5.76 -6.92 14.43
H1 BMA B . 4.76 -10.99 14.19
H2 BMA B . 5.50 -12.73 12.46
H3 BMA B . 7.03 -11.83 14.18
H4 BMA B . 7.87 -9.55 12.26
H5 BMA B . 6.43 -9.36 14.95
H61 BMA B . 7.18 -7.16 12.89
H62 BMA B . 7.84 -7.31 14.52
HO2 BMA B . 6.30 -10.64 10.96
HO3 BMA B . 8.48 -11.65 11.69
HO6 BMA B . 5.01 -7.24 13.92
C1 BMA B . 9.88 -9.26 13.87
C2 BMA B . 10.85 -9.17 15.10
C3 BMA B . 12.24 -8.57 14.67
C4 BMA B . 12.76 -9.26 13.35
C5 BMA B . 11.60 -9.18 12.33
C6 BMA B . 12.02 -9.55 10.94
O2 BMA B . 10.96 -10.47 15.57
O3 BMA B . 13.11 -8.74 15.76
O4 BMA B . 13.90 -8.55 12.96
O5 BMA B . 10.46 -9.85 12.74
O6 BMA B . 12.37 -10.91 10.92
H1 BMA B . 9.63 -8.22 13.53
H2 BMA B . 10.39 -8.51 15.88
H3 BMA B . 12.14 -7.48 14.43
H4 BMA B . 13.02 -10.34 13.49
H5 BMA B . 11.22 -8.12 12.24
H61 BMA B . 11.19 -9.32 10.23
H62 BMA B . 12.86 -8.89 10.63
HO2 BMA B . 11.44 -10.43 16.40
HO3 BMA B . 13.06 -7.91 16.25
HO4 BMA B . 14.37 -8.36 13.78
HO6 BMA B . 13.29 -11.00 11.17
#